data_7JYP
#
_entry.id   7JYP
#
_cell.length_a   58.150
_cell.length_b   58.150
_cell.length_c   163.130
_cell.angle_alpha   90.00
_cell.angle_beta   90.00
_cell.angle_gamma   120.00
#
_symmetry.space_group_name_H-M   'P 31 2 1'
#
loop_
_entity.id
_entity.type
_entity.pdbx_description
1 polymer 'Thioredoxin reductase'
2 non-polymer 'FLAVIN-ADENINE DINUCLEOTIDE'
3 non-polymer NICOTINAMIDE-ADENINE-DINUCLEOTIDE
4 water water
#
_entity_poly.entity_id   1
_entity_poly.type   'polypeptide(L)'
_entity_poly.pdbx_seq_one_letter_code
;MSYYHHHHHHDYDIPTTENLYFQGAMAMVHFDLGNISTGPKDYYDILIIGGGPAGLTAAIYAGRAGLSAAVFEKALEGGA
VTQTHVVENWPGFIRIEGSELGEKFAEHAKAFGAEIITAEVLKISYDNEYKYVELDNGKKVKGKVLIYATGAVPRKLGVP
GEEEFRGRGVTYCAACDGYLFSGKDIVVVGGGDSACDEAHFLAKMVKSITMVQNLPYLTAAKVLQDRLLENKNVKVILNS
LVKEIRGKDKVEEVVVVNNETGEETVIKAEGVFIYVGLVPKSDLLKGIVDINEYGYIKTDENMETNVPGIYAVGDVREKN
LRQIVTAAADGAIAVEHAAKKYF
;
_entity_poly.pdbx_strand_id   A
#
loop_
_chem_comp.id
_chem_comp.type
_chem_comp.name
_chem_comp.formula
FAD non-polymer 'FLAVIN-ADENINE DINUCLEOTIDE' 'C27 H33 N9 O15 P2'
NAD non-polymer NICOTINAMIDE-ADENINE-DINUCLEOTIDE 'C21 H27 N7 O14 P2'
#
# COMPACT_ATOMS: atom_id res chain seq x y z
N GLY A 39 -5.13 17.36 19.22
CA GLY A 39 -4.40 18.28 20.04
C GLY A 39 -2.97 17.83 20.24
N PRO A 40 -2.08 18.25 19.28
CA PRO A 40 -0.71 17.81 19.49
C PRO A 40 0.11 18.70 20.41
N LYS A 41 1.19 18.16 20.97
CA LYS A 41 2.04 18.93 21.83
C LYS A 41 3.09 19.54 20.98
N ASP A 42 3.91 20.38 21.55
CA ASP A 42 4.91 21.04 20.77
C ASP A 42 6.07 20.16 20.33
N TYR A 43 6.39 19.14 21.13
CA TYR A 43 7.51 18.27 20.85
C TYR A 43 7.24 16.82 21.14
N TYR A 44 7.83 15.96 20.33
CA TYR A 44 7.77 14.53 20.48
C TYR A 44 9.15 14.02 20.07
N ASP A 45 9.58 12.93 20.67
CA ASP A 45 10.86 12.38 20.31
C ASP A 45 10.81 11.90 18.90
N ILE A 46 9.72 11.28 18.53
CA ILE A 46 9.57 10.77 17.20
C ILE A 46 8.27 11.22 16.51
N LEU A 47 8.39 11.69 15.30
CA LEU A 47 7.27 12.11 14.50
C LEU A 47 7.06 11.06 13.44
N ILE A 48 5.90 10.47 13.41
CA ILE A 48 5.60 9.46 12.45
C ILE A 48 4.51 9.94 11.51
N ILE A 49 4.82 9.96 10.23
CA ILE A 49 3.90 10.42 9.20
C ILE A 49 3.20 9.28 8.55
N GLY A 50 1.97 9.07 8.96
CA GLY A 50 1.19 7.99 8.43
C GLY A 50 0.88 7.00 9.52
N GLY A 51 -0.34 6.52 9.53
CA GLY A 51 -0.78 5.61 10.54
C GLY A 51 -1.23 4.26 10.03
N GLY A 52 -0.53 3.77 9.05
CA GLY A 52 -0.78 2.46 8.55
C GLY A 52 0.07 1.49 9.44
N PRO A 53 0.16 0.20 8.98
CA PRO A 53 0.98 -0.73 9.80
C PRO A 53 2.41 -0.32 10.07
N ALA A 54 3.05 0.32 9.11
CA ALA A 54 4.41 0.77 9.29
C ALA A 54 4.52 1.81 10.37
N GLY A 55 3.69 2.83 10.30
CA GLY A 55 3.75 3.85 11.28
C GLY A 55 3.28 3.47 12.65
N LEU A 56 2.30 2.60 12.71
CA LEU A 56 1.77 2.20 13.97
C LEU A 56 2.76 1.25 14.67
N THR A 57 3.46 0.43 13.93
CA THR A 57 4.48 -0.45 14.51
C THR A 57 5.61 0.40 15.02
N ALA A 58 5.99 1.40 14.26
CA ALA A 58 6.97 2.32 14.71
C ALA A 58 6.55 2.98 16.01
N ALA A 59 5.27 3.24 16.17
CA ALA A 59 4.78 3.90 17.37
C ALA A 59 4.84 2.96 18.57
N ILE A 60 4.53 1.72 18.33
CA ILE A 60 4.55 0.73 19.36
C ILE A 60 6.00 0.59 19.82
N TYR A 61 6.91 0.44 18.88
CA TYR A 61 8.31 0.26 19.25
C TYR A 61 8.86 1.49 19.94
N ALA A 62 8.41 2.68 19.53
CA ALA A 62 8.88 3.91 20.14
C ALA A 62 8.43 3.99 21.60
N GLY A 63 7.16 3.69 21.85
CA GLY A 63 6.67 3.73 23.22
C GLY A 63 7.41 2.73 24.10
N ARG A 64 7.68 1.56 23.58
CA ARG A 64 8.38 0.51 24.34
C ARG A 64 9.89 0.68 24.33
N ALA A 65 10.37 1.78 23.77
CA ALA A 65 11.75 2.20 23.89
C ALA A 65 11.91 3.40 24.81
N GLY A 66 10.81 3.85 25.43
CA GLY A 66 10.86 5.01 26.30
C GLY A 66 10.80 6.33 25.58
N LEU A 67 10.32 6.36 24.35
CA LEU A 67 10.35 7.56 23.51
C LEU A 67 8.93 8.03 23.24
N SER A 68 8.68 9.33 23.39
CA SER A 68 7.40 9.92 23.01
C SER A 68 7.25 9.91 21.50
N ALA A 69 6.03 9.65 21.04
CA ALA A 69 5.78 9.53 19.61
C ALA A 69 4.42 10.12 19.26
N ALA A 70 4.39 10.80 18.11
CA ALA A 70 3.16 11.30 17.50
C ALA A 70 2.98 10.64 16.13
N VAL A 71 1.79 10.08 15.91
CA VAL A 71 1.40 9.55 14.62
C VAL A 71 0.46 10.55 13.98
N PHE A 72 0.81 11.04 12.80
CA PHE A 72 -0.08 11.94 12.06
C PHE A 72 -0.76 11.13 10.96
N GLU A 73 -2.07 11.02 11.04
CA GLU A 73 -2.86 10.23 10.11
C GLU A 73 -3.99 11.11 9.57
N LYS A 74 -3.98 11.36 8.29
CA LYS A 74 -4.99 12.21 7.68
C LYS A 74 -6.33 11.54 7.44
N ALA A 75 -6.33 10.22 7.36
CA ALA A 75 -7.54 9.51 7.17
C ALA A 75 -7.84 8.53 8.31
N LEU A 76 -7.80 7.24 8.03
CA LEU A 76 -8.11 6.26 9.03
C LEU A 76 -6.93 5.51 9.64
N GLU A 77 -6.86 5.52 10.95
CA GLU A 77 -5.81 4.75 11.62
C GLU A 77 -5.92 3.28 11.22
N GLY A 78 -4.77 2.67 10.89
CA GLY A 78 -4.73 1.38 10.24
C GLY A 78 -4.31 1.44 8.80
N GLY A 79 -4.46 2.61 8.14
CA GLY A 79 -3.99 2.73 6.77
C GLY A 79 -4.78 1.85 5.83
N ALA A 80 -4.12 1.34 4.83
CA ALA A 80 -4.75 0.52 3.84
C ALA A 80 -5.45 -0.72 4.32
N VAL A 81 -5.10 -1.18 5.48
CA VAL A 81 -5.74 -2.35 6.02
C VAL A 81 -7.24 -2.11 6.16
N THR A 82 -7.61 -0.88 6.46
CA THR A 82 -9.01 -0.54 6.65
C THR A 82 -9.85 -0.62 5.40
N GLN A 83 -9.18 -0.68 4.27
CA GLN A 83 -9.82 -0.79 3.00
C GLN A 83 -9.72 -2.16 2.41
N THR A 84 -9.55 -3.17 3.25
CA THR A 84 -9.55 -4.52 2.77
C THR A 84 -10.60 -5.31 3.53
N HIS A 85 -11.13 -6.34 2.92
CA HIS A 85 -12.17 -7.13 3.53
C HIS A 85 -11.64 -7.93 4.70
N VAL A 86 -10.95 -9.00 4.43
CA VAL A 86 -10.41 -9.85 5.48
C VAL A 86 -8.93 -10.05 5.28
N VAL A 87 -8.21 -10.01 6.38
CA VAL A 87 -6.78 -10.20 6.38
C VAL A 87 -6.55 -11.61 6.90
N GLU A 88 -5.82 -12.39 6.13
CA GLU A 88 -5.53 -13.77 6.43
C GLU A 88 -4.06 -14.05 6.52
N ASN A 89 -3.25 -13.04 6.33
CA ASN A 89 -1.83 -13.21 6.38
C ASN A 89 -1.07 -12.37 7.36
N TRP A 90 -1.75 -11.96 8.41
CA TRP A 90 -1.13 -11.33 9.56
C TRP A 90 -1.02 -12.41 10.62
N PRO A 91 0.15 -12.97 10.79
CA PRO A 91 0.29 -14.09 11.72
C PRO A 91 -0.41 -13.93 13.06
N GLY A 92 -1.19 -14.91 13.42
CA GLY A 92 -1.88 -14.91 14.68
C GLY A 92 -3.37 -14.72 14.57
N PHE A 93 -3.81 -14.18 13.43
CA PHE A 93 -5.20 -13.98 13.15
C PHE A 93 -5.51 -14.80 11.93
N ILE A 94 -6.28 -15.85 12.04
CA ILE A 94 -6.56 -16.64 10.88
C ILE A 94 -7.36 -15.86 9.82
N ARG A 95 -8.36 -15.16 10.28
CA ARG A 95 -9.22 -14.39 9.40
C ARG A 95 -9.79 -13.26 10.21
N ILE A 96 -9.43 -12.04 9.85
CA ILE A 96 -9.92 -10.89 10.57
C ILE A 96 -10.28 -9.75 9.59
N GLU A 97 -11.33 -9.01 9.90
CA GLU A 97 -11.72 -7.90 9.04
C GLU A 97 -10.66 -6.83 9.10
N GLY A 98 -10.29 -6.33 7.94
CA GLY A 98 -9.28 -5.31 7.85
C GLY A 98 -9.50 -4.11 8.74
N SER A 99 -10.72 -3.61 8.80
CA SER A 99 -10.99 -2.48 9.65
C SER A 99 -10.78 -2.82 11.12
N GLU A 100 -11.13 -4.03 11.51
CA GLU A 100 -10.92 -4.43 12.89
C GLU A 100 -9.45 -4.55 13.19
N LEU A 101 -8.69 -5.12 12.29
CA LEU A 101 -7.26 -5.24 12.50
C LEU A 101 -6.60 -3.89 12.58
N GLY A 102 -6.96 -2.99 11.69
CA GLY A 102 -6.38 -1.69 11.76
C GLY A 102 -6.62 -1.01 13.07
N GLU A 103 -7.80 -1.17 13.62
CA GLU A 103 -8.10 -0.57 14.89
C GLU A 103 -7.29 -1.23 16.00
N LYS A 104 -7.10 -2.54 15.91
CA LYS A 104 -6.30 -3.23 16.88
C LYS A 104 -4.90 -2.65 16.84
N PHE A 105 -4.35 -2.42 15.64
CA PHE A 105 -3.03 -1.81 15.55
C PHE A 105 -3.01 -0.45 16.24
N ALA A 106 -4.03 0.40 15.96
CA ALA A 106 -4.04 1.73 16.55
C ALA A 106 -4.18 1.69 18.07
N GLU A 107 -5.01 0.82 18.58
CA GLU A 107 -5.17 0.70 20.01
C GLU A 107 -3.86 0.25 20.70
N HIS A 108 -3.15 -0.63 20.02
CA HIS A 108 -1.88 -1.14 20.50
C HIS A 108 -0.88 0.00 20.56
N ALA A 109 -0.78 0.81 19.50
CA ALA A 109 0.14 1.94 19.55
C ALA A 109 -0.22 2.88 20.69
N LYS A 110 -1.51 3.17 20.88
CA LYS A 110 -1.89 4.07 21.95
C LYS A 110 -1.64 3.45 23.32
N ALA A 111 -1.74 2.13 23.44
CA ALA A 111 -1.55 1.49 24.74
C ALA A 111 -0.18 1.76 25.32
N PHE A 112 0.78 1.99 24.45
CA PHE A 112 2.13 2.22 24.87
C PHE A 112 2.60 3.65 24.84
N GLY A 113 1.67 4.57 24.70
CA GLY A 113 2.00 5.97 24.78
C GLY A 113 1.93 6.89 23.60
N ALA A 114 1.92 6.35 22.41
CA ALA A 114 1.89 7.18 21.22
C ALA A 114 0.60 7.91 21.13
N GLU A 115 0.65 9.08 20.52
CA GLU A 115 -0.54 9.89 20.35
C GLU A 115 -0.87 9.91 18.88
N ILE A 116 -2.07 9.54 18.54
CA ILE A 116 -2.47 9.57 17.16
C ILE A 116 -3.25 10.84 16.94
N ILE A 117 -2.79 11.60 15.97
CA ILE A 117 -3.37 12.88 15.61
C ILE A 117 -3.95 12.86 14.21
N THR A 118 -5.24 13.17 14.11
CA THR A 118 -5.89 13.20 12.85
C THR A 118 -5.54 14.53 12.20
N ALA A 119 -4.63 14.51 11.26
CA ALA A 119 -4.22 15.71 10.59
C ALA A 119 -3.40 15.36 9.39
N GLU A 120 -3.39 16.24 8.41
CA GLU A 120 -2.60 16.01 7.27
C GLU A 120 -1.35 16.82 7.42
N VAL A 121 -0.23 16.19 7.15
CA VAL A 121 1.04 16.87 7.20
C VAL A 121 1.20 17.52 5.84
N LEU A 122 1.49 18.81 5.85
CA LEU A 122 1.63 19.57 4.61
C LEU A 122 3.04 19.96 4.24
N LYS A 123 3.91 20.00 5.21
CA LYS A 123 5.28 20.32 4.97
C LYS A 123 6.21 19.75 6.04
N ILE A 124 7.39 19.38 5.61
CA ILE A 124 8.40 18.85 6.49
C ILE A 124 9.68 19.63 6.30
N SER A 125 10.30 20.01 7.39
CA SER A 125 11.56 20.69 7.34
C SER A 125 12.46 20.20 8.46
N TYR A 126 13.72 20.59 8.44
CA TYR A 126 14.65 20.17 9.46
C TYR A 126 15.85 21.08 9.67
N ASP A 127 16.37 21.10 10.89
CA ASP A 127 17.54 21.87 11.20
C ASP A 127 18.63 20.94 11.67
N ASN A 128 19.55 21.44 12.47
CA ASN A 128 20.67 20.66 12.95
C ASN A 128 20.32 19.33 13.57
N GLU A 129 19.38 19.34 14.48
CA GLU A 129 19.00 18.15 15.16
C GLU A 129 17.53 17.90 15.32
N TYR A 130 16.68 18.75 14.78
CA TYR A 130 15.25 18.55 14.91
C TYR A 130 14.54 18.52 13.59
N LYS A 131 13.39 17.90 13.59
CA LYS A 131 12.57 17.78 12.43
C LYS A 131 11.27 18.48 12.76
N TYR A 132 10.61 18.97 11.72
CA TYR A 132 9.41 19.69 11.89
C TYR A 132 8.37 19.36 10.87
N VAL A 133 7.15 19.38 11.31
CA VAL A 133 6.06 19.19 10.41
C VAL A 133 5.04 20.32 10.60
N GLU A 134 4.46 20.78 9.51
CA GLU A 134 3.34 21.69 9.59
C GLU A 134 2.09 20.95 9.18
N LEU A 135 1.05 21.04 10.00
CA LEU A 135 -0.19 20.32 9.79
C LEU A 135 -1.19 21.20 9.04
N ASP A 136 -2.27 20.58 8.63
CA ASP A 136 -3.34 21.27 7.94
C ASP A 136 -4.22 22.05 8.87
N ASN A 137 -3.79 22.18 10.11
CA ASN A 137 -4.52 22.98 11.07
C ASN A 137 -3.64 24.11 11.49
N GLY A 138 -2.53 24.29 10.82
CA GLY A 138 -1.63 25.34 11.14
C GLY A 138 -0.58 24.96 12.14
N LYS A 139 -0.88 24.03 13.00
CA LYS A 139 0.09 23.65 14.01
C LYS A 139 1.40 23.15 13.45
N LYS A 140 2.48 23.54 14.10
CA LYS A 140 3.80 23.08 13.76
C LYS A 140 4.30 22.21 14.93
N VAL A 141 4.86 21.07 14.63
CA VAL A 141 5.35 20.14 15.63
C VAL A 141 6.81 19.81 15.41
N LYS A 142 7.56 19.77 16.49
CA LYS A 142 8.96 19.46 16.43
C LYS A 142 9.28 18.06 16.94
N GLY A 143 10.28 17.45 16.38
CA GLY A 143 10.73 16.15 16.87
C GLY A 143 12.19 15.94 16.55
N LYS A 144 12.78 14.98 17.24
CA LYS A 144 14.16 14.66 17.00
C LYS A 144 14.34 13.79 15.79
N VAL A 145 13.45 12.85 15.63
CA VAL A 145 13.48 11.91 14.55
C VAL A 145 12.15 11.85 13.82
N LEU A 146 12.23 11.58 12.54
CA LEU A 146 11.04 11.46 11.73
C LEU A 146 10.98 10.17 10.96
N ILE A 147 9.88 9.47 11.10
CA ILE A 147 9.65 8.24 10.40
C ILE A 147 8.56 8.49 9.35
N TYR A 148 8.87 8.31 8.09
CA TYR A 148 7.99 8.62 6.98
C TYR A 148 7.30 7.34 6.51
N ALA A 149 6.01 7.22 6.76
CA ALA A 149 5.25 6.03 6.49
C ALA A 149 3.90 6.27 5.81
N THR A 150 3.97 6.99 4.72
CA THR A 150 2.81 7.43 3.98
C THR A 150 2.19 6.48 2.99
N GLY A 151 2.78 5.32 2.79
CA GLY A 151 2.23 4.31 1.91
C GLY A 151 2.37 4.60 0.42
N ALA A 152 1.70 3.79 -0.36
CA ALA A 152 1.70 3.84 -1.82
C ALA A 152 0.33 3.42 -2.27
N VAL A 153 -0.35 4.29 -2.99
CA VAL A 153 -1.72 4.04 -3.39
C VAL A 153 -1.91 3.45 -4.75
N PRO A 154 -2.72 2.43 -4.88
CA PRO A 154 -2.93 1.88 -6.22
C PRO A 154 -3.72 2.84 -7.06
N ARG A 155 -3.36 2.94 -8.32
CA ARG A 155 -4.07 3.74 -9.27
C ARG A 155 -5.41 3.06 -9.50
N LYS A 156 -6.45 3.85 -9.69
CA LYS A 156 -7.76 3.33 -9.93
C LYS A 156 -8.15 3.35 -11.39
N LEU A 157 -9.13 2.55 -11.70
CA LEU A 157 -9.66 2.47 -13.02
C LEU A 157 -10.63 3.63 -13.28
N GLY A 158 -11.36 4.01 -12.26
CA GLY A 158 -12.35 5.06 -12.38
C GLY A 158 -13.57 4.67 -13.14
N VAL A 159 -13.99 3.43 -13.01
CA VAL A 159 -15.13 2.91 -13.70
C VAL A 159 -16.21 2.46 -12.76
N PRO A 160 -17.48 2.48 -13.31
CA PRO A 160 -18.54 2.01 -12.43
C PRO A 160 -18.34 0.59 -11.89
N GLY A 161 -18.66 0.38 -10.64
CA GLY A 161 -18.49 -0.91 -10.03
C GLY A 161 -17.18 -1.10 -9.26
N GLU A 162 -16.17 -0.32 -9.57
CA GLU A 162 -14.91 -0.40 -8.92
C GLU A 162 -15.01 -0.08 -7.44
N GLU A 163 -15.58 1.05 -7.11
CA GLU A 163 -15.80 1.40 -5.71
C GLU A 163 -16.82 0.46 -5.07
N GLU A 164 -17.96 0.27 -5.71
CA GLU A 164 -19.02 -0.53 -5.16
C GLU A 164 -18.63 -1.93 -4.69
N PHE A 165 -17.82 -2.56 -5.47
CA PHE A 165 -17.45 -3.91 -5.21
C PHE A 165 -16.10 -4.11 -4.54
N ARG A 166 -15.50 -3.05 -4.05
CA ARG A 166 -14.24 -3.19 -3.36
C ARG A 166 -14.49 -4.11 -2.16
N GLY A 167 -13.74 -5.17 -2.06
CA GLY A 167 -13.90 -6.11 -0.98
C GLY A 167 -14.92 -7.18 -1.25
N ARG A 168 -15.58 -7.09 -2.39
CA ARG A 168 -16.57 -8.06 -2.77
C ARG A 168 -16.30 -8.55 -4.16
N GLY A 169 -15.03 -8.64 -4.49
CA GLY A 169 -14.59 -9.07 -5.79
C GLY A 169 -13.52 -8.19 -6.37
N VAL A 170 -13.47 -6.94 -5.96
CA VAL A 170 -12.49 -6.02 -6.46
C VAL A 170 -11.38 -5.80 -5.45
N THR A 171 -10.16 -6.01 -5.89
CA THR A 171 -9.01 -5.87 -5.04
C THR A 171 -7.78 -5.42 -5.77
N TYR A 172 -6.83 -4.90 -5.03
CA TYR A 172 -5.57 -4.41 -5.58
C TYR A 172 -4.34 -5.13 -4.97
N CYS A 173 -4.57 -6.28 -4.42
CA CYS A 173 -3.49 -7.04 -3.79
C CYS A 173 -3.64 -8.51 -3.90
N ALA A 174 -2.82 -9.09 -4.75
CA ALA A 174 -2.85 -10.51 -5.01
C ALA A 174 -2.33 -11.36 -3.86
N ALA A 175 -1.25 -10.91 -3.25
CA ALA A 175 -0.69 -11.63 -2.14
C ALA A 175 -1.71 -11.69 -1.04
N CYS A 176 -2.40 -10.59 -0.82
CA CYS A 176 -3.39 -10.56 0.20
C CYS A 176 -4.61 -11.38 -0.04
N ASP A 177 -5.20 -11.27 -1.21
CA ASP A 177 -6.47 -11.89 -1.45
C ASP A 177 -6.57 -12.99 -2.44
N GLY A 178 -5.50 -13.29 -3.13
CA GLY A 178 -5.50 -14.32 -4.13
C GLY A 178 -6.07 -15.65 -3.69
N TYR A 179 -5.72 -16.05 -2.49
CA TYR A 179 -6.18 -17.31 -1.97
C TYR A 179 -7.68 -17.38 -1.93
N LEU A 180 -8.29 -16.26 -1.65
CA LEU A 180 -9.74 -16.20 -1.56
C LEU A 180 -10.42 -16.49 -2.88
N PHE A 181 -9.67 -16.43 -3.95
CA PHE A 181 -10.19 -16.68 -5.27
C PHE A 181 -9.81 -18.03 -5.85
N SER A 182 -9.36 -18.93 -5.00
CA SER A 182 -9.01 -20.25 -5.44
C SER A 182 -10.20 -20.88 -6.14
N GLY A 183 -9.93 -21.47 -7.29
CA GLY A 183 -10.95 -22.11 -8.08
C GLY A 183 -11.94 -21.20 -8.80
N LYS A 184 -11.66 -19.92 -8.81
CA LYS A 184 -12.55 -18.97 -9.45
C LYS A 184 -11.97 -18.36 -10.71
N ASP A 185 -12.85 -17.78 -11.52
CA ASP A 185 -12.45 -17.10 -12.72
C ASP A 185 -12.24 -15.64 -12.33
N ILE A 186 -11.17 -15.05 -12.76
CA ILE A 186 -10.86 -13.70 -12.40
C ILE A 186 -10.31 -12.89 -13.54
N VAL A 187 -10.31 -11.58 -13.36
CA VAL A 187 -9.70 -10.66 -14.30
C VAL A 187 -8.55 -9.95 -13.58
N VAL A 188 -7.49 -9.72 -14.32
CA VAL A 188 -6.40 -8.93 -13.86
C VAL A 188 -6.32 -7.77 -14.85
N VAL A 189 -6.30 -6.56 -14.35
CA VAL A 189 -6.22 -5.38 -15.21
C VAL A 189 -4.85 -4.78 -15.15
N GLY A 190 -4.24 -4.61 -16.30
CA GLY A 190 -2.93 -4.05 -16.38
C GLY A 190 -2.04 -5.04 -17.08
N GLY A 191 -0.90 -4.57 -17.55
CA GLY A 191 0.01 -5.42 -18.26
C GLY A 191 1.48 -5.14 -18.02
N GLY A 192 1.76 -4.54 -16.87
CA GLY A 192 3.10 -4.20 -16.50
C GLY A 192 3.77 -5.21 -15.60
N ASP A 193 4.85 -4.81 -14.99
CA ASP A 193 5.58 -5.71 -14.12
C ASP A 193 4.66 -6.31 -13.08
N SER A 194 3.98 -5.48 -12.30
CA SER A 194 3.10 -5.99 -11.27
C SER A 194 1.98 -6.85 -11.75
N ALA A 195 1.35 -6.48 -12.83
CA ALA A 195 0.25 -7.26 -13.32
C ALA A 195 0.67 -8.62 -13.80
N CYS A 196 1.79 -8.69 -14.47
CA CYS A 196 2.26 -9.95 -14.97
C CYS A 196 2.84 -10.84 -13.86
N ASP A 197 3.52 -10.21 -12.92
CA ASP A 197 4.10 -10.91 -11.81
C ASP A 197 2.98 -11.45 -10.96
N GLU A 198 1.96 -10.66 -10.67
CA GLU A 198 0.90 -11.14 -9.79
C GLU A 198 -0.07 -12.08 -10.51
N ALA A 199 -0.18 -11.98 -11.82
CA ALA A 199 -1.03 -12.89 -12.54
C ALA A 199 -0.40 -14.28 -12.48
N HIS A 200 0.90 -14.32 -12.56
CA HIS A 200 1.61 -15.58 -12.49
C HIS A 200 1.39 -16.19 -11.11
N PHE A 201 1.55 -15.38 -10.10
CA PHE A 201 1.30 -15.84 -8.72
C PHE A 201 -0.11 -16.41 -8.58
N LEU A 202 -1.11 -15.69 -9.10
CA LEU A 202 -2.51 -16.10 -8.94
C LEU A 202 -2.84 -17.36 -9.72
N ALA A 203 -2.17 -17.58 -10.86
CA ALA A 203 -2.55 -18.66 -11.75
C ALA A 203 -2.40 -20.03 -11.09
N LYS A 204 -1.65 -20.11 -10.03
CA LYS A 204 -1.49 -21.36 -9.33
C LYS A 204 -2.71 -21.74 -8.54
N MET A 205 -3.52 -20.77 -8.18
CA MET A 205 -4.71 -21.02 -7.36
C MET A 205 -6.02 -20.79 -8.09
N VAL A 206 -6.12 -19.78 -8.95
CA VAL A 206 -7.40 -19.47 -9.57
C VAL A 206 -7.66 -20.40 -10.74
N LYS A 207 -8.94 -20.58 -11.07
CA LYS A 207 -9.29 -21.42 -12.21
C LYS A 207 -8.79 -20.81 -13.52
N SER A 208 -9.04 -19.52 -13.73
CA SER A 208 -8.59 -18.88 -14.95
C SER A 208 -8.35 -17.40 -14.70
N ILE A 209 -7.50 -16.82 -15.54
CA ILE A 209 -7.24 -15.38 -15.54
C ILE A 209 -7.49 -14.85 -16.94
N THR A 210 -8.25 -13.77 -17.05
CA THR A 210 -8.32 -12.98 -18.26
C THR A 210 -7.66 -11.63 -17.95
N MET A 211 -6.52 -11.36 -18.58
CA MET A 211 -5.87 -10.07 -18.38
C MET A 211 -6.43 -9.07 -19.38
N VAL A 212 -6.62 -7.84 -18.94
CA VAL A 212 -7.10 -6.75 -19.75
C VAL A 212 -6.06 -5.65 -19.74
N GLN A 213 -5.37 -5.47 -20.85
CA GLN A 213 -4.30 -4.50 -21.00
C GLN A 213 -4.71 -3.42 -21.99
N ASN A 214 -4.45 -2.18 -21.65
CA ASN A 214 -4.86 -1.05 -22.46
C ASN A 214 -4.07 -0.74 -23.69
N LEU A 215 -2.82 -1.09 -23.66
CA LEU A 215 -1.97 -0.90 -24.80
C LEU A 215 -2.01 -2.13 -25.67
N PRO A 216 -1.53 -2.03 -26.89
CA PRO A 216 -1.56 -3.15 -27.80
C PRO A 216 -0.49 -4.17 -27.47
N TYR A 217 0.11 -4.04 -26.32
CA TYR A 217 1.15 -4.94 -25.89
C TYR A 217 1.36 -4.92 -24.38
N LEU A 218 2.00 -5.95 -23.86
CA LEU A 218 2.31 -5.99 -22.45
C LEU A 218 3.55 -5.18 -22.27
N THR A 219 3.66 -4.49 -21.15
CA THR A 219 4.82 -3.67 -20.91
C THR A 219 5.81 -4.28 -19.92
N ALA A 220 5.45 -5.43 -19.39
CA ALA A 220 6.28 -6.10 -18.43
C ALA A 220 7.55 -6.63 -19.02
N ALA A 221 8.56 -6.74 -18.17
CA ALA A 221 9.84 -7.27 -18.53
C ALA A 221 9.64 -8.64 -19.11
N LYS A 222 10.43 -8.99 -20.10
CA LYS A 222 10.29 -10.25 -20.77
C LYS A 222 10.29 -11.46 -19.86
N VAL A 223 11.15 -11.42 -18.87
CA VAL A 223 11.21 -12.54 -17.94
C VAL A 223 9.86 -12.73 -17.25
N LEU A 224 9.22 -11.66 -16.89
CA LEU A 224 7.93 -11.75 -16.26
C LEU A 224 6.89 -12.25 -17.25
N GLN A 225 7.02 -11.88 -18.50
CA GLN A 225 6.07 -12.32 -19.49
C GLN A 225 6.28 -13.78 -19.78
N ASP A 226 7.53 -14.20 -19.78
CA ASP A 226 7.86 -15.57 -20.02
C ASP A 226 7.26 -16.52 -19.00
N ARG A 227 7.19 -16.12 -17.75
CA ARG A 227 6.63 -16.97 -16.73
C ARG A 227 5.16 -17.18 -16.95
N LEU A 228 4.49 -16.20 -17.54
CA LEU A 228 3.06 -16.30 -17.81
C LEU A 228 2.75 -17.36 -18.86
N LEU A 229 3.66 -17.61 -19.80
CA LEU A 229 3.42 -18.63 -20.83
C LEU A 229 3.38 -20.04 -20.24
N GLU A 230 4.02 -20.27 -19.09
CA GLU A 230 3.81 -21.54 -18.39
C GLU A 230 2.37 -21.73 -17.97
N ASN A 231 1.60 -20.64 -17.85
CA ASN A 231 0.27 -20.66 -17.24
C ASN A 231 -0.77 -20.69 -18.35
N LYS A 232 -1.18 -21.91 -18.73
CA LYS A 232 -2.14 -22.05 -19.80
C LYS A 232 -3.56 -21.67 -19.39
N ASN A 233 -3.76 -21.37 -18.11
CA ASN A 233 -5.06 -20.94 -17.64
C ASN A 233 -5.17 -19.40 -17.65
N VAL A 234 -4.27 -18.77 -18.37
CA VAL A 234 -4.23 -17.35 -18.49
C VAL A 234 -4.42 -16.91 -19.94
N LYS A 235 -5.25 -15.89 -20.13
CA LYS A 235 -5.53 -15.29 -21.43
C LYS A 235 -5.37 -13.78 -21.34
N VAL A 236 -4.85 -13.21 -22.41
CA VAL A 236 -4.61 -11.79 -22.46
C VAL A 236 -5.45 -11.07 -23.55
N ILE A 237 -6.07 -9.97 -23.18
CA ILE A 237 -6.83 -9.17 -24.11
C ILE A 237 -6.14 -7.83 -24.19
N LEU A 238 -5.58 -7.51 -25.33
CA LEU A 238 -4.86 -6.29 -25.49
C LEU A 238 -5.73 -5.13 -25.99
N ASN A 239 -5.14 -3.96 -26.02
CA ASN A 239 -5.76 -2.74 -26.49
C ASN A 239 -7.19 -2.61 -26.05
N SER A 240 -7.43 -2.76 -24.79
CA SER A 240 -8.78 -2.73 -24.24
C SER A 240 -8.79 -2.09 -22.86
N LEU A 241 -9.99 -1.67 -22.44
CA LEU A 241 -10.20 -1.06 -21.14
C LEU A 241 -11.38 -1.75 -20.47
N VAL A 242 -11.38 -1.78 -19.14
CA VAL A 242 -12.57 -2.17 -18.41
C VAL A 242 -13.58 -1.03 -18.49
N LYS A 243 -14.79 -1.35 -18.90
CA LYS A 243 -15.81 -0.31 -18.97
C LYS A 243 -16.64 -0.25 -17.69
N GLU A 244 -16.98 -1.41 -17.18
CA GLU A 244 -17.73 -1.53 -15.96
C GLU A 244 -17.49 -2.88 -15.28
N ILE A 245 -17.74 -2.91 -13.99
CA ILE A 245 -17.63 -4.10 -13.19
C ILE A 245 -18.99 -4.26 -12.61
N ARG A 246 -19.60 -5.40 -12.83
CA ARG A 246 -20.96 -5.66 -12.42
C ARG A 246 -21.18 -6.88 -11.57
N GLY A 247 -22.26 -6.91 -10.82
CA GLY A 247 -22.57 -8.06 -10.00
C GLY A 247 -23.75 -7.76 -9.10
N LYS A 248 -24.02 -8.68 -8.20
CA LYS A 248 -25.10 -8.53 -7.26
C LYS A 248 -24.51 -8.33 -5.90
N ASP A 249 -24.35 -9.41 -5.15
CA ASP A 249 -23.75 -9.31 -3.85
C ASP A 249 -22.26 -9.14 -4.07
N LYS A 250 -21.72 -9.93 -4.98
CA LYS A 250 -20.31 -9.91 -5.34
C LYS A 250 -20.14 -9.68 -6.84
N VAL A 251 -18.91 -9.47 -7.27
CA VAL A 251 -18.62 -9.30 -8.69
C VAL A 251 -19.06 -10.54 -9.46
N GLU A 252 -19.64 -10.31 -10.62
CA GLU A 252 -20.09 -11.40 -11.46
C GLU A 252 -19.62 -11.25 -12.90
N GLU A 253 -19.42 -10.02 -13.34
CA GLU A 253 -18.94 -9.75 -14.68
C GLU A 253 -18.12 -8.51 -14.79
N VAL A 254 -17.27 -8.51 -15.79
CA VAL A 254 -16.51 -7.34 -16.19
C VAL A 254 -16.85 -7.06 -17.65
N VAL A 255 -17.25 -5.82 -17.96
CA VAL A 255 -17.43 -5.40 -19.33
C VAL A 255 -16.17 -4.74 -19.83
N VAL A 256 -15.66 -5.22 -20.96
CA VAL A 256 -14.45 -4.71 -21.57
C VAL A 256 -14.81 -4.10 -22.91
N VAL A 257 -14.10 -3.06 -23.28
CA VAL A 257 -14.27 -2.41 -24.54
C VAL A 257 -12.95 -2.27 -25.27
N ASN A 258 -12.94 -2.60 -26.54
CA ASN A 258 -11.77 -2.48 -27.37
C ASN A 258 -11.51 -1.03 -27.76
N ASN A 259 -10.28 -0.60 -27.61
CA ASN A 259 -9.92 0.75 -27.94
C ASN A 259 -10.03 1.07 -29.43
N GLU A 260 -9.84 0.10 -30.28
CA GLU A 260 -9.86 0.34 -31.71
C GLU A 260 -11.24 0.29 -32.30
N THR A 261 -11.98 -0.74 -31.98
CA THR A 261 -13.29 -0.94 -32.50
C THR A 261 -14.44 -0.47 -31.64
N GLY A 262 -14.19 -0.25 -30.38
CA GLY A 262 -15.25 0.04 -29.46
C GLY A 262 -16.14 -1.13 -29.12
N GLU A 263 -15.88 -2.31 -29.66
CA GLU A 263 -16.70 -3.47 -29.35
C GLU A 263 -16.58 -3.84 -27.88
N GLU A 264 -17.69 -4.24 -27.33
CA GLU A 264 -17.74 -4.62 -25.95
C GLU A 264 -17.85 -6.12 -25.77
N THR A 265 -17.22 -6.61 -24.72
CA THR A 265 -17.23 -8.03 -24.38
C THR A 265 -17.60 -8.18 -22.92
N VAL A 266 -18.38 -9.17 -22.59
CA VAL A 266 -18.77 -9.42 -21.23
C VAL A 266 -17.99 -10.64 -20.73
N ILE A 267 -17.15 -10.44 -19.73
CA ILE A 267 -16.37 -11.50 -19.17
C ILE A 267 -16.93 -11.94 -17.86
N LYS A 268 -17.26 -13.20 -17.73
CA LYS A 268 -17.75 -13.71 -16.47
C LYS A 268 -16.55 -13.79 -15.55
N ALA A 269 -16.66 -13.22 -14.36
CA ALA A 269 -15.55 -13.25 -13.42
C ALA A 269 -16.07 -12.98 -12.02
N GLU A 270 -15.41 -13.54 -11.02
CA GLU A 270 -15.80 -13.31 -9.65
C GLU A 270 -14.83 -12.36 -8.96
N GLY A 271 -13.71 -12.10 -9.57
CA GLY A 271 -12.74 -11.20 -9.01
C GLY A 271 -12.02 -10.36 -10.01
N VAL A 272 -11.60 -9.19 -9.58
CA VAL A 272 -10.92 -8.23 -10.43
C VAL A 272 -9.71 -7.74 -9.66
N PHE A 273 -8.52 -8.07 -10.12
CA PHE A 273 -7.30 -7.63 -9.51
C PHE A 273 -6.72 -6.52 -10.37
N ILE A 274 -6.71 -5.32 -9.83
CA ILE A 274 -6.25 -4.16 -10.56
C ILE A 274 -4.83 -3.78 -10.31
N TYR A 275 -4.04 -3.78 -11.36
CA TYR A 275 -2.64 -3.46 -11.34
C TYR A 275 -2.28 -2.51 -12.46
N VAL A 276 -2.80 -1.31 -12.37
CA VAL A 276 -2.52 -0.33 -13.38
C VAL A 276 -1.59 0.74 -12.87
N GLY A 277 -0.77 0.42 -11.87
CA GLY A 277 0.16 1.39 -11.32
C GLY A 277 -0.02 1.66 -9.84
N LEU A 278 1.05 2.06 -9.20
CA LEU A 278 1.08 2.36 -7.80
C LEU A 278 1.70 3.72 -7.61
N VAL A 279 1.22 4.46 -6.65
CA VAL A 279 1.71 5.78 -6.40
C VAL A 279 2.24 6.04 -5.02
N PRO A 280 3.53 5.99 -4.86
CA PRO A 280 4.11 6.27 -3.55
C PRO A 280 3.87 7.67 -3.10
N LYS A 281 3.46 7.85 -1.87
CA LYS A 281 3.20 9.16 -1.36
C LYS A 281 4.42 9.84 -0.79
N SER A 282 5.38 10.10 -1.66
CA SER A 282 6.61 10.71 -1.28
C SER A 282 6.79 12.17 -1.55
N ASP A 283 5.77 12.87 -2.00
CA ASP A 283 5.97 14.25 -2.42
C ASP A 283 6.47 15.16 -1.30
N LEU A 284 6.03 14.93 -0.05
CA LEU A 284 6.54 15.75 1.05
C LEU A 284 8.06 15.71 1.18
N LEU A 285 8.70 14.69 0.67
CA LEU A 285 10.14 14.58 0.77
C LEU A 285 10.89 14.77 -0.53
N LYS A 286 10.19 15.14 -1.57
CA LYS A 286 10.82 15.41 -2.84
C LYS A 286 11.66 16.65 -2.66
N GLY A 287 12.91 16.53 -3.01
CA GLY A 287 13.84 17.60 -2.84
C GLY A 287 14.52 17.59 -1.49
N ILE A 288 14.08 16.69 -0.61
CA ILE A 288 14.65 16.58 0.71
C ILE A 288 15.50 15.32 0.84
N VAL A 289 15.03 14.20 0.34
CA VAL A 289 15.76 12.96 0.38
C VAL A 289 15.88 12.30 -0.97
N ASP A 290 16.79 11.36 -1.09
CA ASP A 290 16.97 10.64 -2.32
C ASP A 290 15.77 9.79 -2.59
N ILE A 291 15.17 9.99 -3.75
CA ILE A 291 14.02 9.24 -4.18
C ILE A 291 14.36 8.63 -5.51
N ASN A 292 13.86 7.44 -5.79
CA ASN A 292 14.21 6.79 -7.03
C ASN A 292 13.32 7.30 -8.17
N GLU A 293 13.52 6.71 -9.34
CA GLU A 293 12.91 7.20 -10.57
C GLU A 293 11.39 7.12 -10.51
N TYR A 294 10.89 6.18 -9.74
CA TYR A 294 9.48 5.94 -9.63
C TYR A 294 8.76 6.51 -8.43
N GLY A 295 9.46 7.31 -7.67
CA GLY A 295 8.85 7.97 -6.53
C GLY A 295 9.05 7.27 -5.20
N TYR A 296 9.78 6.17 -5.16
CA TYR A 296 10.00 5.42 -3.91
C TYR A 296 11.26 5.88 -3.21
N ILE A 297 11.16 6.07 -1.91
CA ILE A 297 12.24 6.57 -1.13
C ILE A 297 13.35 5.56 -0.90
N LYS A 298 14.57 5.98 -1.06
CA LYS A 298 15.70 5.11 -0.88
C LYS A 298 16.16 5.13 0.55
N THR A 299 16.56 3.98 1.06
CA THR A 299 17.03 3.88 2.41
C THR A 299 18.14 2.83 2.52
N ASP A 300 18.87 2.87 3.61
CA ASP A 300 19.84 1.82 3.90
C ASP A 300 19.12 0.68 4.64
N GLU A 301 19.88 -0.29 5.14
CA GLU A 301 19.30 -1.43 5.83
C GLU A 301 18.61 -1.06 7.14
N ASN A 302 18.91 0.12 7.70
CA ASN A 302 18.28 0.60 8.92
C ASN A 302 17.04 1.44 8.65
N MET A 303 16.65 1.51 7.39
CA MET A 303 15.52 2.30 6.92
C MET A 303 15.81 3.79 6.89
N GLU A 304 17.05 4.16 7.09
CA GLU A 304 17.40 5.56 7.12
C GLU A 304 17.63 6.14 5.73
N THR A 305 17.13 7.35 5.52
CA THR A 305 17.37 8.04 4.25
C THR A 305 18.76 8.66 4.25
N ASN A 306 19.06 9.46 3.23
CA ASN A 306 20.33 10.16 3.21
C ASN A 306 20.37 11.38 4.13
N VAL A 307 19.28 11.61 4.84
CA VAL A 307 19.20 12.67 5.81
C VAL A 307 19.12 12.06 7.21
N PRO A 308 20.19 12.39 8.00
CA PRO A 308 20.17 11.81 9.34
C PRO A 308 18.94 12.09 10.13
N GLY A 309 18.32 11.07 10.68
CA GLY A 309 17.18 11.25 11.51
C GLY A 309 15.88 11.15 10.76
N ILE A 310 15.95 10.94 9.48
CA ILE A 310 14.77 10.77 8.70
C ILE A 310 14.81 9.39 8.11
N TYR A 311 13.79 8.60 8.40
CA TYR A 311 13.66 7.27 7.91
C TYR A 311 12.39 7.12 7.07
N ALA A 312 12.36 6.15 6.18
CA ALA A 312 11.18 5.81 5.40
C ALA A 312 10.87 4.32 5.59
N VAL A 313 9.61 4.01 5.87
CA VAL A 313 9.20 2.65 6.22
C VAL A 313 7.91 2.31 5.47
N GLY A 314 7.78 1.03 5.15
CA GLY A 314 6.57 0.51 4.55
C GLY A 314 6.55 0.69 3.04
N ASP A 315 5.33 0.82 2.50
CA ASP A 315 5.14 0.75 1.06
C ASP A 315 5.72 1.94 0.30
N VAL A 316 5.98 3.06 0.97
CA VAL A 316 6.55 4.24 0.29
C VAL A 316 8.03 4.05 0.01
N ARG A 317 8.69 3.11 0.70
CA ARG A 317 10.10 2.83 0.52
C ARG A 317 10.31 1.99 -0.73
N GLU A 318 11.47 2.15 -1.34
CA GLU A 318 11.91 1.23 -2.39
C GLU A 318 12.05 -0.19 -1.84
N LYS A 319 11.30 -1.13 -2.38
CA LYS A 319 11.32 -2.51 -1.96
C LYS A 319 10.56 -3.42 -2.90
N ASN A 320 10.54 -4.70 -2.61
CA ASN A 320 9.88 -5.64 -3.47
C ASN A 320 8.53 -6.14 -3.04
N LEU A 321 8.34 -6.42 -1.77
CA LEU A 321 7.09 -6.95 -1.29
C LEU A 321 6.42 -6.03 -0.34
N ARG A 322 5.24 -5.56 -0.75
CA ARG A 322 4.45 -4.63 0.04
C ARG A 322 3.33 -5.41 0.72
N GLN A 323 3.54 -5.72 2.01
CA GLN A 323 2.60 -6.47 2.81
C GLN A 323 2.53 -5.83 4.17
N ILE A 324 1.54 -6.20 4.96
CA ILE A 324 1.46 -5.68 6.27
C ILE A 324 2.70 -6.07 7.10
N VAL A 325 3.15 -7.30 6.95
CA VAL A 325 4.25 -7.76 7.77
C VAL A 325 5.57 -7.07 7.38
N THR A 326 5.79 -6.82 6.09
CA THR A 326 7.02 -6.11 5.72
C THR A 326 6.97 -4.64 6.11
N ALA A 327 5.77 -4.03 6.12
CA ALA A 327 5.66 -2.66 6.62
C ALA A 327 5.91 -2.61 8.12
N ALA A 328 5.30 -3.54 8.87
CA ALA A 328 5.54 -3.62 10.31
C ALA A 328 7.03 -3.77 10.61
N ALA A 329 7.71 -4.66 9.88
CA ALA A 329 9.13 -4.92 10.13
C ALA A 329 9.96 -3.67 9.89
N ASP A 330 9.65 -2.92 8.84
CA ASP A 330 10.35 -1.69 8.59
C ASP A 330 10.19 -0.72 9.76
N GLY A 331 8.98 -0.56 10.27
CA GLY A 331 8.77 0.38 11.36
C GLY A 331 9.55 0.02 12.61
N ALA A 332 9.62 -1.28 12.89
CA ALA A 332 10.41 -1.78 14.03
C ALA A 332 11.89 -1.48 13.84
N ILE A 333 12.41 -1.82 12.71
CA ILE A 333 13.81 -1.62 12.42
C ILE A 333 14.21 -0.16 12.57
N ALA A 334 13.42 0.71 12.01
CA ALA A 334 13.71 2.13 12.07
C ALA A 334 13.75 2.69 13.46
N VAL A 335 12.78 2.36 14.26
CA VAL A 335 12.72 2.93 15.61
C VAL A 335 13.80 2.31 16.50
N GLU A 336 14.05 1.03 16.35
CA GLU A 336 15.09 0.43 17.14
C GLU A 336 16.40 1.11 16.85
N HIS A 337 16.71 1.29 15.59
CA HIS A 337 17.96 1.94 15.19
C HIS A 337 18.03 3.36 15.71
N ALA A 338 16.96 4.15 15.49
CA ALA A 338 16.94 5.53 15.98
C ALA A 338 17.05 5.61 17.50
N ALA A 339 16.43 4.68 18.20
CA ALA A 339 16.46 4.71 19.63
C ALA A 339 17.88 4.65 20.18
N LYS A 340 18.73 3.96 19.46
CA LYS A 340 20.09 3.80 19.87
C LYS A 340 21.00 4.84 19.31
N LYS A 341 20.74 5.27 18.10
CA LYS A 341 21.60 6.25 17.51
C LYS A 341 21.38 7.69 17.90
N TYR A 342 20.13 8.11 18.04
CA TYR A 342 19.84 9.50 18.32
C TYR A 342 19.38 9.89 19.69
N PHE A 343 19.32 8.93 20.61
CA PHE A 343 18.93 9.22 21.96
C PHE A 343 19.89 8.62 23.02
PA FAD B . -0.49 2.48 4.48
O1A FAD B . -1.14 1.36 4.98
O2A FAD B . -0.86 2.86 3.16
O5B FAD B . -0.66 3.69 5.41
C5B FAD B . -0.25 4.96 5.01
C4B FAD B . -1.05 6.04 5.73
O4B FAD B . -0.44 7.32 5.69
C3B FAD B . -2.41 6.18 5.10
O3B FAD B . -3.39 5.86 6.04
C2B FAD B . -2.50 7.63 4.73
O2B FAD B . -3.76 8.17 4.98
C1B FAD B . -1.45 8.30 5.59
N9A FAD B . -0.87 9.52 5.04
C8A FAD B . -0.34 9.64 3.86
N7A FAD B . 0.11 10.86 3.66
C5A FAD B . -0.14 11.54 4.74
C6A FAD B . 0.09 12.92 5.18
N6A FAD B . 0.69 13.78 4.34
N1A FAD B . -0.32 13.24 6.39
C2A FAD B . -0.92 12.37 7.18
N3A FAD B . -1.16 11.12 6.84
C4A FAD B . -0.79 10.65 5.66
C1' FAD B . -1.25 -4.53 1.61
C2' FAD B . -1.00 -3.82 2.92
O2' FAD B . -2.20 -3.32 3.43
C3' FAD B . -0.06 -2.64 2.75
O3' FAD B . 1.13 -3.07 2.19
C4' FAD B . 0.28 -2.03 4.07
O4' FAD B . -0.93 -1.56 4.61
C5' FAD B . 1.31 -0.91 3.84
O5' FAD B . 1.41 -0.17 5.01
P FAD B . 2.04 1.20 5.14
O1P FAD B . 1.97 1.58 6.51
O2P FAD B . 3.28 1.28 4.48
O3P FAD B . 1.06 2.23 4.39
PA NAD C . 3.27 0.26 -14.74
O1A NAD C . 2.92 1.67 -14.67
O2A NAD C . 4.61 -0.08 -15.17
O5B NAD C . 2.23 -0.57 -15.56
C5B NAD C . 0.83 -0.35 -15.60
C4B NAD C . 0.30 -1.25 -16.70
O4B NAD C . -1.10 -1.12 -16.79
C3B NAD C . 0.87 -0.73 -17.98
O3B NAD C . 1.13 -1.79 -18.84
C2B NAD C . -0.22 0.16 -18.49
O2B NAD C . -0.26 0.25 -19.86
C1B NAD C . -1.43 -0.58 -18.05
N9A NAD C . -2.50 0.32 -17.77
C8A NAD C . -2.42 1.56 -17.33
N7A NAD C . -3.65 2.03 -17.15
C5A NAD C . -4.51 1.09 -17.49
C6A NAD C . -5.98 0.96 -17.54
N6A NAD C . -6.80 1.95 -17.20
N1A NAD C . -6.47 -0.21 -17.98
C2A NAD C . -5.66 -1.19 -18.32
N3A NAD C . -4.34 -1.15 -18.31
C4A NAD C . -3.73 -0.04 -17.90
O3 NAD C . 3.04 -0.17 -13.28
PN NAD C . 3.68 -1.42 -12.61
O1N NAD C . 3.14 -2.64 -13.11
O2N NAD C . 3.56 -1.07 -11.19
O5D NAD C . 5.20 -1.36 -13.02
#